data_3QGB
#
_entry.id   3QGB
#
_cell.length_a   96.809
_cell.length_b   96.809
_cell.length_c   100.895
_cell.angle_alpha   90.00
_cell.angle_beta   90.00
_cell.angle_gamma   120.00
#
_symmetry.space_group_name_H-M   'P 61'
#
loop_
_entity.id
_entity.type
_entity.pdbx_description
1 polymer 'Fem-3 mRNA-binding factor 2'
2 polymer "5'-R(*UP*GP*UP*GP*CP*CP*AP*UP*A)-3'"
3 water water
#
loop_
_entity_poly.entity_id
_entity_poly.type
_entity_poly.pdbx_seq_one_letter_code
_entity_poly.pdbx_strand_id
1 'polypeptide(L)'
;GSNNVLPTWSLDSNGEMRSRLSLSEVLDSGDLMKFAVDKTGCQFLEKAVKGSLTSYQKFQLFEQVIGRKDDFLKLSTNIF
GNYLVQSVIGISLATNDDGYTKRQEKLKNFISSQMTDMCLDKFACYVIQSSLQNMDLSLACKLVQALPRDARLIAICVDQ
NANHVIQKVVAVIPLKNWEFIVDFVATPEHLRQICSDKYGCRVVQTIIEKLTADSMNVDLTSAAQNLRERALQRLMTSVT
NRCQELATNEYANYIIQHIVSNDDLAVYRECIIEKCLMRNLLSLSQEKFASHVVEKAFLHAPLELLAEMMDEIFDGYIPH
PDTGKDALDIMMFHQFGNYVVQCMLTICCDAVSGRRQTKEGGYDHAISFQDWLKKLHSRVTKERHRLSRFSSGKKMIETL
ANLRSTHPIYELQ
;
A
2 'polyribonucleotide' UGUGCCAUA B
#
# COMPACT_ATOMS: atom_id res chain seq x y z
N LEU A 6 -21.45 23.90 26.31
CA LEU A 6 -22.51 23.12 26.94
C LEU A 6 -23.66 23.99 27.47
N PRO A 7 -24.91 23.55 27.25
CA PRO A 7 -26.11 24.22 27.74
C PRO A 7 -26.10 24.29 29.25
N THR A 8 -26.48 25.45 29.79
CA THR A 8 -26.45 25.65 31.24
C THR A 8 -27.39 24.70 32.00
N TRP A 9 -28.47 24.26 31.36
CA TRP A 9 -29.39 23.32 32.02
C TRP A 9 -28.74 21.96 32.30
N SER A 10 -27.63 21.68 31.64
CA SER A 10 -26.98 20.39 31.80
C SER A 10 -25.77 20.47 32.73
N LEU A 11 -25.41 21.68 33.16
CA LEU A 11 -24.27 21.88 34.03
C LEU A 11 -24.69 21.98 35.49
N ASP A 12 -23.83 21.51 36.39
CA ASP A 12 -24.12 21.63 37.82
C ASP A 12 -23.59 22.93 38.41
N SER A 13 -23.47 22.97 39.74
CA SER A 13 -23.07 24.19 40.44
C SER A 13 -21.62 24.55 40.13
N ASN A 14 -20.73 23.57 40.24
CA ASN A 14 -19.31 23.79 40.03
C ASN A 14 -18.91 23.85 38.54
N GLY A 15 -19.91 23.89 37.66
CA GLY A 15 -19.66 24.08 36.24
C GLY A 15 -19.37 22.81 35.46
N GLU A 16 -19.66 21.66 36.08
CA GLU A 16 -19.45 20.38 35.42
C GLU A 16 -20.75 19.79 34.90
N MET A 17 -20.68 19.13 33.75
CA MET A 17 -21.82 18.40 33.21
C MET A 17 -22.37 17.47 34.28
N ARG A 18 -23.69 17.51 34.47
CA ARG A 18 -24.35 16.67 35.48
C ARG A 18 -24.09 15.18 35.21
N SER A 19 -24.47 14.33 36.16
CA SER A 19 -24.14 12.91 36.05
C SER A 19 -25.33 12.00 35.72
N ARG A 20 -26.49 12.31 36.29
CA ARG A 20 -27.68 11.53 36.01
C ARG A 20 -28.39 12.04 34.75
N LEU A 21 -27.59 12.40 33.76
CA LEU A 21 -28.10 12.95 32.51
C LEU A 21 -28.61 11.84 31.59
N SER A 22 -29.81 12.02 31.04
CA SER A 22 -30.39 10.99 30.18
C SER A 22 -30.26 11.38 28.71
N LEU A 23 -30.19 10.37 27.85
CA LEU A 23 -30.10 10.58 26.42
C LEU A 23 -31.30 11.38 25.92
N SER A 24 -32.49 11.06 26.41
CA SER A 24 -33.71 11.70 25.93
C SER A 24 -33.74 13.18 26.30
N GLU A 25 -33.25 13.52 27.49
CA GLU A 25 -33.12 14.93 27.86
C GLU A 25 -32.37 15.69 26.79
N VAL A 26 -31.21 15.15 26.41
CA VAL A 26 -30.36 15.78 25.41
C VAL A 26 -31.05 15.81 24.04
N LEU A 27 -31.72 14.74 23.66
CA LEU A 27 -32.35 14.68 22.34
C LEU A 27 -33.55 15.63 22.22
N ASP A 28 -34.27 15.81 23.33
CA ASP A 28 -35.46 16.65 23.37
C ASP A 28 -35.12 18.14 23.39
N SER A 29 -33.98 18.47 23.98
CA SER A 29 -33.58 19.86 24.26
C SER A 29 -33.25 20.67 23.00
N GLY A 30 -32.78 20.01 21.96
CA GLY A 30 -32.36 20.69 20.75
C GLY A 30 -30.89 21.08 20.83
N ASP A 31 -30.23 20.65 21.90
CA ASP A 31 -28.87 21.07 22.17
C ASP A 31 -27.82 20.02 21.81
N LEU A 32 -28.21 19.02 21.03
CA LEU A 32 -27.29 17.90 20.74
C LEU A 32 -25.99 18.37 20.10
N MET A 33 -26.09 19.28 19.13
CA MET A 33 -24.90 19.77 18.45
C MET A 33 -23.86 20.33 19.42
N LYS A 34 -24.31 20.91 20.52
CA LYS A 34 -23.40 21.43 21.52
C LYS A 34 -22.71 20.31 22.30
N PHE A 35 -23.43 19.21 22.53
CA PHE A 35 -22.87 18.04 23.19
C PHE A 35 -21.89 17.31 22.30
N ALA A 36 -22.26 17.12 21.04
CA ALA A 36 -21.48 16.32 20.11
C ALA A 36 -20.09 16.90 19.81
N VAL A 37 -19.88 18.20 20.02
CA VAL A 37 -18.59 18.81 19.71
C VAL A 37 -17.75 19.14 20.95
N ASP A 38 -18.29 18.78 22.11
CA ASP A 38 -17.55 18.86 23.37
C ASP A 38 -17.08 17.43 23.70
N LYS A 39 -15.90 17.29 24.29
CA LYS A 39 -15.35 15.96 24.55
C LYS A 39 -16.19 15.18 25.56
N THR A 40 -16.43 15.78 26.73
CA THR A 40 -17.28 15.16 27.74
C THR A 40 -18.68 14.90 27.20
N GLY A 41 -19.24 15.87 26.48
CA GLY A 41 -20.55 15.72 25.89
C GLY A 41 -20.61 14.56 24.92
N CYS A 42 -19.70 14.55 23.96
CA CYS A 42 -19.69 13.51 22.92
C CYS A 42 -19.37 12.14 23.52
N GLN A 43 -18.57 12.14 24.58
CA GLN A 43 -18.22 10.92 25.29
C GLN A 43 -19.48 10.32 25.93
N PHE A 44 -20.31 11.19 26.50
CA PHE A 44 -21.57 10.76 27.09
C PHE A 44 -22.51 10.18 26.02
N LEU A 45 -22.62 10.89 24.91
CA LEU A 45 -23.50 10.46 23.82
C LEU A 45 -23.07 9.11 23.27
N GLU A 46 -21.76 8.89 23.16
CA GLU A 46 -21.27 7.66 22.58
C GLU A 46 -21.51 6.45 23.46
N LYS A 47 -21.46 6.64 24.78
CA LYS A 47 -21.77 5.57 25.69
C LYS A 47 -23.27 5.31 25.61
N ALA A 48 -24.05 6.39 25.63
CA ALA A 48 -25.50 6.31 25.63
C ALA A 48 -26.08 5.64 24.38
N VAL A 49 -25.44 5.84 23.23
CA VAL A 49 -25.95 5.27 21.99
C VAL A 49 -25.55 3.81 21.77
N LYS A 50 -24.68 3.29 22.64
CA LYS A 50 -24.31 1.87 22.61
C LYS A 50 -25.36 1.04 23.31
N GLY A 51 -26.13 1.67 24.19
CA GLY A 51 -27.12 0.95 24.97
C GLY A 51 -28.40 0.66 24.21
N SER A 52 -29.40 0.12 24.90
CA SER A 52 -30.71 -0.08 24.30
C SER A 52 -31.25 1.27 23.92
N LEU A 53 -31.93 1.32 22.79
CA LEU A 53 -32.50 2.57 22.28
C LEU A 53 -33.92 2.29 21.86
N THR A 54 -34.83 3.17 22.24
CA THR A 54 -36.21 3.03 21.82
C THR A 54 -36.30 3.54 20.41
N SER A 55 -37.39 3.19 19.75
CA SER A 55 -37.62 3.59 18.38
C SER A 55 -37.55 5.10 18.20
N TYR A 56 -38.11 5.83 19.16
CA TYR A 56 -38.11 7.29 19.07
C TYR A 56 -36.73 7.91 19.29
N GLN A 57 -35.97 7.36 20.23
CA GLN A 57 -34.60 7.82 20.43
C GLN A 57 -33.79 7.68 19.14
N LYS A 58 -33.92 6.54 18.47
CA LYS A 58 -33.26 6.33 17.19
C LYS A 58 -33.71 7.38 16.17
N PHE A 59 -35.01 7.66 16.16
CA PHE A 59 -35.61 8.57 15.20
C PHE A 59 -34.99 9.95 15.37
N GLN A 60 -34.88 10.41 16.61
CA GLN A 60 -34.26 11.69 16.90
C GLN A 60 -32.78 11.72 16.53
N LEU A 61 -32.04 10.66 16.85
CA LEU A 61 -30.63 10.60 16.52
C LEU A 61 -30.45 10.66 15.01
N PHE A 62 -31.32 9.96 14.29
CA PHE A 62 -31.25 9.93 12.84
C PHE A 62 -31.46 11.33 12.25
N GLU A 63 -32.43 12.07 12.79
CA GLU A 63 -32.70 13.40 12.27
C GLU A 63 -31.60 14.40 12.66
N GLN A 64 -31.06 14.25 13.86
CA GLN A 64 -30.17 15.29 14.40
C GLN A 64 -28.72 15.10 14.03
N VAL A 65 -28.32 13.87 13.75
CA VAL A 65 -26.92 13.59 13.51
C VAL A 65 -26.68 13.27 12.04
N ILE A 66 -27.63 12.59 11.41
CA ILE A 66 -27.47 12.28 10.00
C ILE A 66 -28.68 12.64 9.14
N GLY A 67 -29.50 13.57 9.62
CA GLY A 67 -30.70 13.95 8.90
C GLY A 67 -30.53 15.21 8.08
N ARG A 68 -29.74 16.16 8.57
CA ARG A 68 -29.50 17.39 7.83
C ARG A 68 -28.05 17.56 7.39
N LYS A 69 -27.88 17.92 6.12
CA LYS A 69 -26.58 18.01 5.48
C LYS A 69 -25.56 18.79 6.29
N ASP A 70 -25.93 19.99 6.72
CA ASP A 70 -24.94 20.87 7.34
C ASP A 70 -24.48 20.39 8.73
N ASP A 71 -25.41 19.91 9.56
CA ASP A 71 -25.03 19.39 10.86
C ASP A 71 -24.26 18.06 10.72
N PHE A 72 -24.65 17.26 9.74
CA PHE A 72 -23.90 16.07 9.39
C PHE A 72 -22.44 16.39 9.02
N LEU A 73 -22.23 17.40 8.18
CA LEU A 73 -20.88 17.81 7.81
C LEU A 73 -20.10 18.35 9.00
N LYS A 74 -20.77 19.17 9.82
CA LYS A 74 -20.12 19.80 10.96
C LYS A 74 -19.64 18.75 11.96
N LEU A 75 -20.46 17.73 12.18
CA LEU A 75 -20.08 16.64 13.07
C LEU A 75 -19.01 15.73 12.44
N SER A 76 -19.15 15.45 11.16
CA SER A 76 -18.21 14.58 10.45
C SER A 76 -16.80 15.14 10.42
N THR A 77 -16.70 16.46 10.27
CA THR A 77 -15.41 17.15 10.23
C THR A 77 -14.94 17.53 11.64
N ASN A 78 -15.64 17.05 12.66
CA ASN A 78 -15.31 17.44 14.02
C ASN A 78 -14.52 16.37 14.74
N ILE A 79 -13.51 16.83 15.47
CA ILE A 79 -12.59 15.96 16.18
C ILE A 79 -13.33 14.93 17.04
N PHE A 80 -14.39 15.36 17.72
CA PHE A 80 -15.21 14.47 18.54
C PHE A 80 -16.45 13.93 17.82
N GLY A 81 -17.11 14.80 17.08
CA GLY A 81 -18.37 14.44 16.46
C GLY A 81 -18.32 13.29 15.47
N ASN A 82 -17.17 13.10 14.84
CA ASN A 82 -17.07 12.10 13.79
C ASN A 82 -17.34 10.69 14.31
N TYR A 83 -17.04 10.45 15.59
CA TYR A 83 -17.32 9.17 16.23
C TYR A 83 -18.82 8.94 16.42
N LEU A 84 -19.54 9.98 16.82
CA LEU A 84 -20.99 9.94 16.96
C LEU A 84 -21.66 9.69 15.60
N VAL A 85 -21.14 10.33 14.57
CA VAL A 85 -21.65 10.09 13.22
C VAL A 85 -21.47 8.65 12.75
N GLN A 86 -20.27 8.11 12.95
CA GLN A 86 -19.99 6.72 12.58
C GLN A 86 -20.91 5.79 13.34
N SER A 87 -21.13 6.11 14.61
CA SER A 87 -21.95 5.29 15.48
C SER A 87 -23.44 5.35 15.10
N VAL A 88 -23.92 6.53 14.71
CA VAL A 88 -25.31 6.69 14.31
C VAL A 88 -25.58 6.05 12.95
N ILE A 89 -24.58 6.08 12.07
CA ILE A 89 -24.68 5.38 10.79
C ILE A 89 -24.79 3.86 11.01
N GLY A 90 -24.08 3.36 12.01
CA GLY A 90 -24.14 1.95 12.31
C GLY A 90 -25.54 1.58 12.77
N ILE A 91 -26.10 2.42 13.64
CA ILE A 91 -27.41 2.16 14.17
C ILE A 91 -28.46 2.24 13.07
N SER A 92 -28.30 3.23 12.19
CA SER A 92 -29.19 3.39 11.04
C SER A 92 -29.23 2.14 10.16
N LEU A 93 -28.05 1.58 9.90
CA LEU A 93 -27.92 0.41 9.05
C LEU A 93 -28.51 -0.80 9.75
N ALA A 94 -28.52 -0.76 11.08
CA ALA A 94 -29.01 -1.87 11.87
C ALA A 94 -30.49 -1.73 12.20
N THR A 95 -31.17 -0.75 11.59
CA THR A 95 -32.57 -0.52 11.91
C THR A 95 -33.45 -0.61 10.66
N ASN A 96 -34.00 -1.80 10.42
CA ASN A 96 -34.77 -2.06 9.21
C ASN A 96 -36.22 -1.60 9.29
N ASP A 97 -36.43 -0.33 9.62
CA ASP A 97 -37.77 0.24 9.68
C ASP A 97 -38.13 0.86 8.34
N ASP A 98 -39.27 1.54 8.28
CA ASP A 98 -39.74 2.10 7.03
C ASP A 98 -38.87 3.21 6.45
N GLY A 99 -38.16 3.93 7.32
CA GLY A 99 -37.36 5.05 6.88
C GLY A 99 -35.94 4.68 6.53
N TYR A 100 -35.64 3.39 6.54
CA TYR A 100 -34.29 2.90 6.28
C TYR A 100 -33.79 3.47 4.96
N THR A 101 -34.53 3.17 3.89
CA THR A 101 -34.14 3.55 2.55
C THR A 101 -33.85 5.04 2.41
N LYS A 102 -34.84 5.87 2.73
CA LYS A 102 -34.66 7.31 2.64
C LYS A 102 -33.40 7.73 3.39
N ARG A 103 -33.21 7.12 4.56
CA ARG A 103 -32.10 7.45 5.43
C ARG A 103 -30.74 7.18 4.77
N GLN A 104 -30.60 6.01 4.15
CA GLN A 104 -29.34 5.64 3.51
C GLN A 104 -29.10 6.39 2.20
N GLU A 105 -30.16 6.66 1.44
CA GLU A 105 -30.04 7.46 0.23
C GLU A 105 -29.55 8.85 0.60
N LYS A 106 -30.13 9.43 1.65
CA LYS A 106 -29.80 10.76 2.14
C LYS A 106 -28.32 10.84 2.48
N LEU A 107 -27.84 9.80 3.15
CA LEU A 107 -26.45 9.75 3.59
C LEU A 107 -25.54 9.73 2.37
N LYS A 108 -25.93 8.94 1.37
CA LYS A 108 -25.15 8.83 0.15
C LYS A 108 -25.10 10.16 -0.58
N ASN A 109 -26.23 10.87 -0.57
CA ASN A 109 -26.31 12.18 -1.24
C ASN A 109 -25.47 13.25 -0.56
N PHE A 110 -25.47 13.26 0.77
CA PHE A 110 -24.69 14.23 1.53
C PHE A 110 -23.20 14.05 1.24
N ILE A 111 -22.76 12.80 1.33
CA ILE A 111 -21.36 12.47 1.17
C ILE A 111 -20.92 12.66 -0.28
N SER A 112 -21.69 12.16 -1.22
CA SER A 112 -21.35 12.33 -2.63
C SER A 112 -21.09 13.80 -2.95
N SER A 113 -21.97 14.67 -2.44
CA SER A 113 -21.92 16.08 -2.77
C SER A 113 -20.69 16.75 -2.19
N GLN A 114 -20.10 16.16 -1.15
CA GLN A 114 -18.91 16.75 -0.52
C GLN A 114 -17.72 15.78 -0.49
N MET A 115 -17.72 14.82 -1.39
CA MET A 115 -16.78 13.70 -1.37
C MET A 115 -15.30 14.10 -1.19
N THR A 116 -14.83 15.00 -2.02
CA THR A 116 -13.42 15.37 -2.03
C THR A 116 -13.00 16.01 -0.72
N ASP A 117 -13.78 16.98 -0.28
CA ASP A 117 -13.45 17.69 0.94
C ASP A 117 -13.52 16.78 2.15
N MET A 118 -14.43 15.81 2.13
CA MET A 118 -14.54 14.87 3.23
C MET A 118 -13.34 13.92 3.25
N CYS A 119 -12.89 13.45 2.09
CA CYS A 119 -11.75 12.54 2.03
C CYS A 119 -10.48 13.22 2.52
N LEU A 120 -10.31 14.49 2.17
CA LEU A 120 -9.11 15.24 2.54
C LEU A 120 -9.14 15.66 4.00
N ASP A 121 -10.31 15.60 4.63
CA ASP A 121 -10.44 16.06 5.99
C ASP A 121 -9.90 15.02 6.96
N LYS A 122 -9.27 15.53 8.01
CA LYS A 122 -8.56 14.72 8.99
C LYS A 122 -9.50 13.79 9.77
N PHE A 123 -10.75 14.21 9.96
CA PHE A 123 -11.71 13.41 10.72
C PHE A 123 -12.79 12.78 9.85
N ALA A 124 -13.31 13.52 8.87
CA ALA A 124 -14.40 13.01 8.05
C ALA A 124 -13.95 11.85 7.14
N CYS A 125 -12.64 11.68 6.96
CA CYS A 125 -12.14 10.54 6.19
C CYS A 125 -12.53 9.21 6.86
N TYR A 126 -12.68 9.23 8.18
CA TYR A 126 -13.08 8.02 8.90
C TYR A 126 -14.55 7.72 8.65
N VAL A 127 -15.34 8.77 8.45
CA VAL A 127 -16.75 8.63 8.14
C VAL A 127 -16.91 8.02 6.75
N ILE A 128 -16.09 8.45 5.81
CA ILE A 128 -16.07 7.85 4.48
C ILE A 128 -15.69 6.38 4.55
N GLN A 129 -14.61 6.07 5.26
CA GLN A 129 -14.12 4.70 5.30
C GLN A 129 -15.14 3.80 5.99
N SER A 130 -15.76 4.33 7.04
CA SER A 130 -16.79 3.62 7.77
C SER A 130 -17.96 3.29 6.84
N SER A 131 -18.42 4.30 6.11
CA SER A 131 -19.56 4.12 5.21
C SER A 131 -19.28 3.13 4.07
N LEU A 132 -18.05 3.15 3.57
CA LEU A 132 -17.68 2.28 2.45
C LEU A 132 -17.77 0.79 2.81
N GLN A 133 -17.40 0.43 4.04
CA GLN A 133 -17.42 -0.98 4.41
C GLN A 133 -18.73 -1.42 5.07
N ASN A 134 -19.48 -0.46 5.61
CA ASN A 134 -20.71 -0.79 6.33
C ASN A 134 -22.01 -0.65 5.53
N MET A 135 -22.08 0.37 4.69
CA MET A 135 -23.28 0.62 3.89
C MET A 135 -23.59 -0.55 2.99
N ASP A 136 -24.85 -0.66 2.56
CA ASP A 136 -25.20 -1.64 1.54
C ASP A 136 -24.27 -1.43 0.35
N LEU A 137 -23.81 -2.51 -0.24
CA LEU A 137 -22.82 -2.43 -1.29
C LEU A 137 -23.24 -1.53 -2.45
N SER A 138 -24.50 -1.62 -2.84
CA SER A 138 -24.99 -0.80 -3.95
C SER A 138 -24.86 0.69 -3.66
N LEU A 139 -25.12 1.08 -2.42
CA LEU A 139 -24.96 2.46 -2.02
C LEU A 139 -23.49 2.84 -1.86
N ALA A 140 -22.70 1.94 -1.27
CA ALA A 140 -21.26 2.15 -1.11
C ALA A 140 -20.61 2.41 -2.46
N CYS A 141 -21.07 1.69 -3.48
CA CYS A 141 -20.58 1.87 -4.84
C CYS A 141 -20.84 3.29 -5.37
N LYS A 142 -21.97 3.87 -5.01
CA LYS A 142 -22.28 5.25 -5.39
C LYS A 142 -21.30 6.26 -4.79
N LEU A 143 -20.80 5.98 -3.58
CA LEU A 143 -19.84 6.87 -2.94
C LEU A 143 -18.54 6.90 -3.76
N VAL A 144 -18.08 5.73 -4.15
CA VAL A 144 -16.90 5.62 -4.99
C VAL A 144 -17.10 6.38 -6.30
N GLN A 145 -18.31 6.31 -6.83
CA GLN A 145 -18.65 6.96 -8.08
C GLN A 145 -18.52 8.48 -7.95
N ALA A 146 -18.59 8.98 -6.72
CA ALA A 146 -18.51 10.40 -6.46
C ALA A 146 -17.08 10.90 -6.35
N LEU A 147 -16.11 10.02 -6.48
CA LEU A 147 -14.70 10.44 -6.47
C LEU A 147 -14.42 11.31 -7.69
N PRO A 148 -13.54 12.31 -7.53
CA PRO A 148 -13.13 13.20 -8.62
C PRO A 148 -12.29 12.45 -9.64
N ARG A 149 -12.28 12.91 -10.89
CA ARG A 149 -11.54 12.24 -11.95
C ARG A 149 -10.42 13.13 -12.48
N ASP A 150 -10.14 14.21 -11.76
CA ASP A 150 -9.17 15.19 -12.23
C ASP A 150 -8.00 15.34 -11.27
N ALA A 151 -7.35 16.50 -11.30
CA ALA A 151 -6.19 16.76 -10.47
C ALA A 151 -6.44 16.49 -8.99
N ARG A 152 -7.68 16.67 -8.55
CA ARG A 152 -8.06 16.42 -7.16
C ARG A 152 -7.83 14.96 -6.78
N LEU A 153 -7.92 14.07 -7.77
CA LEU A 153 -7.67 12.64 -7.52
C LEU A 153 -6.22 12.37 -7.16
N ILE A 154 -5.29 13.01 -7.86
CA ILE A 154 -3.88 12.91 -7.50
C ILE A 154 -3.73 13.36 -6.05
N ALA A 155 -4.29 14.53 -5.74
CA ALA A 155 -4.21 15.10 -4.40
C ALA A 155 -4.77 14.15 -3.35
N ILE A 156 -5.85 13.46 -3.70
CA ILE A 156 -6.43 12.47 -2.81
C ILE A 156 -5.46 11.33 -2.55
N CYS A 157 -4.86 10.81 -3.61
CA CYS A 157 -3.94 9.68 -3.51
C CYS A 157 -2.69 9.96 -2.66
N VAL A 158 -2.20 11.20 -2.67
CA VAL A 158 -0.99 11.53 -1.94
C VAL A 158 -1.26 12.22 -0.59
N ASP A 159 -2.53 12.35 -0.23
CA ASP A 159 -2.89 12.97 1.04
C ASP A 159 -2.67 11.99 2.20
N GLN A 160 -2.22 12.52 3.35
CA GLN A 160 -2.02 11.69 4.53
C GLN A 160 -3.31 11.08 5.10
N ASN A 161 -4.45 11.72 4.86
CA ASN A 161 -5.74 11.18 5.30
C ASN A 161 -6.47 10.41 4.20
N ALA A 162 -6.68 11.07 3.07
CA ALA A 162 -7.46 10.52 1.97
C ALA A 162 -6.88 9.24 1.35
N ASN A 163 -5.56 9.09 1.38
CA ASN A 163 -4.96 7.89 0.80
C ASN A 163 -5.60 6.64 1.41
N HIS A 164 -5.98 6.73 2.69
CA HIS A 164 -6.64 5.63 3.36
C HIS A 164 -8.07 5.38 2.84
N VAL A 165 -8.69 6.39 2.25
CA VAL A 165 -10.01 6.22 1.64
C VAL A 165 -9.90 5.35 0.38
N ILE A 166 -8.91 5.66 -0.46
CA ILE A 166 -8.67 4.89 -1.67
C ILE A 166 -8.32 3.44 -1.35
N GLN A 167 -7.48 3.25 -0.33
CA GLN A 167 -7.09 1.91 0.08
C GLN A 167 -8.30 1.13 0.60
N LYS A 168 -9.20 1.82 1.30
CA LYS A 168 -10.43 1.21 1.77
C LYS A 168 -11.32 0.80 0.60
N VAL A 169 -11.46 1.69 -0.38
CA VAL A 169 -12.23 1.39 -1.58
C VAL A 169 -11.72 0.10 -2.23
N VAL A 170 -10.42 0.05 -2.46
CA VAL A 170 -9.77 -1.11 -3.04
C VAL A 170 -10.04 -2.39 -2.23
N ALA A 171 -10.12 -2.24 -0.91
CA ALA A 171 -10.36 -3.39 -0.04
C ALA A 171 -11.80 -3.89 -0.05
N VAL A 172 -12.78 -3.00 -0.16
CA VAL A 172 -14.16 -3.42 0.07
C VAL A 172 -15.15 -3.22 -1.09
N ILE A 173 -14.69 -2.63 -2.18
CA ILE A 173 -15.56 -2.40 -3.33
C ILE A 173 -15.07 -3.20 -4.54
N PRO A 174 -16.00 -3.88 -5.24
CA PRO A 174 -15.61 -4.65 -6.42
C PRO A 174 -14.90 -3.76 -7.45
N LEU A 175 -13.98 -4.36 -8.19
CA LEU A 175 -13.08 -3.63 -9.07
C LEU A 175 -13.82 -2.76 -10.09
N LYS A 176 -14.92 -3.29 -10.62
CA LYS A 176 -15.64 -2.62 -11.70
C LYS A 176 -15.90 -1.15 -11.36
N ASN A 177 -16.22 -0.87 -10.10
CA ASN A 177 -16.54 0.47 -9.66
C ASN A 177 -15.37 1.43 -9.57
N TRP A 178 -14.17 0.88 -9.36
CA TRP A 178 -13.00 1.75 -9.19
C TRP A 178 -11.92 1.52 -10.25
N GLU A 179 -12.33 0.93 -11.36
CA GLU A 179 -11.43 0.73 -12.47
C GLU A 179 -10.91 2.06 -13.01
N PHE A 180 -11.72 3.12 -12.89
CA PHE A 180 -11.30 4.43 -13.37
C PHE A 180 -10.05 4.92 -12.62
N ILE A 181 -9.89 4.47 -11.38
CA ILE A 181 -8.74 4.84 -10.57
C ILE A 181 -7.48 4.18 -11.10
N VAL A 182 -7.59 2.90 -11.43
CA VAL A 182 -6.48 2.18 -12.03
C VAL A 182 -6.01 2.88 -13.28
N ASP A 183 -6.93 3.17 -14.19
CA ASP A 183 -6.57 3.79 -15.45
C ASP A 183 -6.12 5.22 -15.29
N PHE A 184 -6.66 5.91 -14.29
CA PHE A 184 -6.21 7.25 -13.94
C PHE A 184 -4.73 7.23 -13.53
N VAL A 185 -4.39 6.31 -12.63
CA VAL A 185 -3.05 6.19 -12.09
C VAL A 185 -2.04 5.71 -13.11
N ALA A 186 -2.52 4.97 -14.12
CA ALA A 186 -1.62 4.43 -15.12
C ALA A 186 -1.17 5.46 -16.15
N THR A 187 -1.90 6.57 -16.27
CA THR A 187 -1.47 7.60 -17.19
C THR A 187 -0.11 8.15 -16.75
N PRO A 188 0.86 8.15 -17.68
CA PRO A 188 2.28 8.43 -17.44
C PRO A 188 2.56 9.54 -16.42
N GLU A 189 1.96 10.72 -16.62
CA GLU A 189 2.21 11.83 -15.72
C GLU A 189 1.66 11.57 -14.31
N HIS A 190 0.50 10.93 -14.23
CA HIS A 190 -0.09 10.61 -12.94
C HIS A 190 0.72 9.55 -12.20
N LEU A 191 1.09 8.51 -12.92
CA LEU A 191 1.88 7.43 -12.33
C LEU A 191 3.12 8.01 -11.67
N ARG A 192 3.72 8.99 -12.34
CA ARG A 192 4.97 9.59 -11.89
C ARG A 192 4.82 10.31 -10.55
N GLN A 193 3.76 11.11 -10.42
CA GLN A 193 3.52 11.88 -9.20
C GLN A 193 3.10 11.00 -8.02
N ILE A 194 2.20 10.06 -8.28
CA ILE A 194 1.68 9.24 -7.19
C ILE A 194 2.74 8.27 -6.66
N CYS A 195 3.47 7.63 -7.55
CA CYS A 195 4.48 6.64 -7.16
C CYS A 195 5.66 7.30 -6.46
N SER A 196 5.90 8.57 -6.78
CA SER A 196 7.05 9.28 -6.23
C SER A 196 6.68 9.97 -4.92
N ASP A 197 5.60 9.51 -4.31
CA ASP A 197 5.12 10.12 -3.08
C ASP A 197 5.04 9.10 -1.93
N LYS A 198 5.37 9.59 -0.75
CA LYS A 198 5.36 8.82 0.48
C LYS A 198 4.07 8.03 0.67
N TYR A 199 2.92 8.65 0.39
CA TYR A 199 1.65 7.98 0.58
C TYR A 199 1.17 7.32 -0.70
N GLY A 200 1.45 7.95 -1.84
CA GLY A 200 1.01 7.45 -3.13
C GLY A 200 1.60 6.10 -3.47
N CYS A 201 2.84 5.85 -3.08
CA CYS A 201 3.50 4.59 -3.41
C CYS A 201 2.87 3.40 -2.66
N ARG A 202 2.31 3.65 -1.48
CA ARG A 202 1.57 2.62 -0.74
C ARG A 202 0.22 2.37 -1.39
N VAL A 203 -0.42 3.44 -1.85
CA VAL A 203 -1.69 3.31 -2.55
C VAL A 203 -1.52 2.47 -3.81
N VAL A 204 -0.46 2.73 -4.56
CA VAL A 204 -0.24 2.00 -5.80
C VAL A 204 0.06 0.54 -5.49
N GLN A 205 0.74 0.27 -4.38
CA GLN A 205 1.05 -1.11 -4.04
C GLN A 205 -0.21 -1.87 -3.60
N THR A 206 -1.04 -1.22 -2.79
CA THR A 206 -2.29 -1.81 -2.37
C THR A 206 -3.16 -2.14 -3.59
N ILE A 207 -3.12 -1.28 -4.59
CA ILE A 207 -3.88 -1.52 -5.81
C ILE A 207 -3.34 -2.74 -6.55
N ILE A 208 -2.02 -2.83 -6.67
CA ILE A 208 -1.39 -3.95 -7.37
C ILE A 208 -1.71 -5.27 -6.67
N GLU A 209 -1.67 -5.24 -5.35
CA GLU A 209 -1.94 -6.43 -4.54
C GLU A 209 -3.35 -6.92 -4.78
N LYS A 210 -4.29 -5.98 -4.87
CA LYS A 210 -5.67 -6.31 -5.13
C LYS A 210 -5.84 -6.88 -6.53
N LEU A 211 -5.04 -6.40 -7.49
CA LEU A 211 -5.13 -6.86 -8.87
C LEU A 211 -4.31 -8.13 -9.13
N THR A 212 -3.85 -8.78 -8.05
CA THR A 212 -3.01 -9.94 -8.18
C THR A 212 -3.83 -11.20 -7.96
N ALA A 213 -3.66 -12.16 -8.86
CA ALA A 213 -4.40 -13.40 -8.79
C ALA A 213 -3.72 -14.32 -7.80
N ASP A 214 -3.82 -13.98 -6.52
CA ASP A 214 -3.23 -14.77 -5.45
C ASP A 214 -4.31 -15.54 -4.70
N SER A 215 -3.94 -16.15 -3.58
CA SER A 215 -4.87 -16.99 -2.84
C SER A 215 -5.99 -16.17 -2.21
N MET A 216 -5.82 -14.85 -2.14
CA MET A 216 -6.86 -13.97 -1.61
C MET A 216 -7.96 -13.67 -2.65
N ASN A 217 -7.69 -13.95 -3.91
CA ASN A 217 -8.69 -13.68 -4.95
C ASN A 217 -9.33 -14.93 -5.55
N VAL A 218 -9.18 -16.08 -4.90
CA VAL A 218 -9.74 -17.32 -5.44
C VAL A 218 -11.27 -17.30 -5.43
N ASP A 219 -11.85 -16.39 -4.66
CA ASP A 219 -13.30 -16.29 -4.58
C ASP A 219 -13.94 -15.59 -5.79
N LEU A 220 -13.12 -15.00 -6.65
CA LEU A 220 -13.66 -14.27 -7.80
C LEU A 220 -14.22 -15.21 -8.86
N THR A 221 -15.30 -14.78 -9.51
CA THR A 221 -15.77 -15.43 -10.73
C THR A 221 -14.74 -15.24 -11.83
N SER A 222 -14.82 -16.08 -12.86
CA SER A 222 -13.92 -16.00 -14.01
C SER A 222 -14.05 -14.66 -14.71
N ALA A 223 -15.29 -14.17 -14.77
CA ALA A 223 -15.54 -12.88 -15.39
C ALA A 223 -14.80 -11.79 -14.61
N ALA A 224 -14.90 -11.86 -13.29
CA ALA A 224 -14.17 -10.93 -12.43
C ALA A 224 -12.66 -11.08 -12.58
N GLN A 225 -12.19 -12.31 -12.70
CA GLN A 225 -10.75 -12.54 -12.88
C GLN A 225 -10.26 -11.86 -14.16
N ASN A 226 -11.05 -11.93 -15.22
CA ASN A 226 -10.68 -11.34 -16.50
C ASN A 226 -10.60 -9.84 -16.38
N LEU A 227 -11.55 -9.28 -15.65
CA LEU A 227 -11.56 -7.86 -15.39
C LEU A 227 -10.28 -7.49 -14.64
N ARG A 228 -9.93 -8.27 -13.62
CA ARG A 228 -8.74 -8.01 -12.82
C ARG A 228 -7.49 -8.10 -13.68
N GLU A 229 -7.43 -9.13 -14.52
CA GLU A 229 -6.26 -9.34 -15.36
C GLU A 229 -6.01 -8.17 -16.31
N ARG A 230 -7.09 -7.62 -16.87
CA ARG A 230 -6.93 -6.53 -17.82
C ARG A 230 -6.51 -5.25 -17.12
N ALA A 231 -7.05 -5.01 -15.93
CA ALA A 231 -6.66 -3.84 -15.15
C ALA A 231 -5.19 -3.98 -14.75
N LEU A 232 -4.78 -5.19 -14.36
CA LEU A 232 -3.40 -5.45 -14.02
C LEU A 232 -2.50 -5.19 -15.21
N GLN A 233 -2.92 -5.65 -16.38
CA GLN A 233 -2.13 -5.49 -17.59
C GLN A 233 -1.95 -4.01 -17.92
N ARG A 234 -3.03 -3.25 -17.83
CA ARG A 234 -2.96 -1.82 -18.10
C ARG A 234 -2.00 -1.11 -17.14
N LEU A 235 -2.08 -1.44 -15.86
CA LEU A 235 -1.25 -0.76 -14.87
C LEU A 235 0.23 -1.18 -14.97
N MET A 236 0.46 -2.46 -15.21
CA MET A 236 1.81 -2.98 -15.36
C MET A 236 2.50 -2.43 -16.60
N THR A 237 1.73 -2.15 -17.64
CA THR A 237 2.30 -1.59 -18.86
C THR A 237 2.93 -0.23 -18.58
N SER A 238 2.21 0.61 -17.87
CA SER A 238 2.72 1.93 -17.54
C SER A 238 3.93 1.82 -16.62
N VAL A 239 3.90 0.83 -15.72
CA VAL A 239 4.99 0.66 -14.77
C VAL A 239 6.25 0.19 -15.46
N THR A 240 6.10 -0.69 -16.43
CA THR A 240 7.24 -1.21 -17.17
C THR A 240 7.86 -0.18 -18.13
N ASN A 241 7.01 0.68 -18.70
CA ASN A 241 7.49 1.74 -19.58
C ASN A 241 8.28 2.86 -18.88
N ARG A 242 8.09 3.00 -17.58
CA ARG A 242 8.82 4.03 -16.83
C ARG A 242 9.62 3.43 -15.67
N CYS A 243 9.85 2.12 -15.75
CA CYS A 243 10.39 1.41 -14.60
C CYS A 243 11.79 1.88 -14.19
N GLN A 244 12.58 2.33 -15.16
CA GLN A 244 13.88 2.91 -14.87
C GLN A 244 13.74 4.04 -13.84
N GLU A 245 12.84 4.96 -14.12
CA GLU A 245 12.61 6.10 -13.26
C GLU A 245 12.04 5.68 -11.90
N LEU A 246 11.19 4.66 -11.88
CA LEU A 246 10.56 4.23 -10.64
C LEU A 246 11.52 3.48 -9.74
N ALA A 247 12.35 2.64 -10.34
CA ALA A 247 13.33 1.86 -9.58
C ALA A 247 14.33 2.74 -8.84
N THR A 248 14.68 3.88 -9.43
CA THR A 248 15.71 4.76 -8.87
C THR A 248 15.15 5.80 -7.90
N ASN A 249 13.83 5.84 -7.78
CA ASN A 249 13.14 6.81 -6.93
C ASN A 249 13.05 6.38 -5.47
N GLU A 250 13.12 7.34 -4.56
CA GLU A 250 13.12 7.09 -3.12
C GLU A 250 11.89 6.33 -2.61
N TYR A 251 10.75 6.48 -3.27
CA TYR A 251 9.53 5.80 -2.82
C TYR A 251 9.12 4.68 -3.76
N ALA A 252 9.22 4.93 -5.05
CA ALA A 252 8.72 4.00 -6.06
C ALA A 252 9.54 2.72 -6.16
N ASN A 253 10.78 2.74 -5.66
CA ASN A 253 11.57 1.51 -5.61
C ASN A 253 10.87 0.41 -4.80
N TYR A 254 10.05 0.79 -3.83
CA TYR A 254 9.30 -0.18 -3.03
C TYR A 254 8.26 -0.94 -3.85
N ILE A 255 7.70 -0.27 -4.84
CA ILE A 255 6.72 -0.87 -5.72
C ILE A 255 7.40 -1.87 -6.66
N ILE A 256 8.52 -1.45 -7.24
CA ILE A 256 9.27 -2.31 -8.13
C ILE A 256 9.77 -3.55 -7.39
N GLN A 257 10.24 -3.35 -6.16
CA GLN A 257 10.64 -4.49 -5.34
C GLN A 257 9.46 -5.40 -5.07
N HIS A 258 8.30 -4.83 -4.79
CA HIS A 258 7.14 -5.69 -4.55
C HIS A 258 6.81 -6.53 -5.76
N ILE A 259 6.86 -5.91 -6.95
CA ILE A 259 6.56 -6.64 -8.17
C ILE A 259 7.58 -7.73 -8.42
N VAL A 260 8.86 -7.38 -8.32
CA VAL A 260 9.92 -8.33 -8.58
C VAL A 260 9.91 -9.51 -7.61
N SER A 261 9.48 -9.28 -6.38
CA SER A 261 9.57 -10.32 -5.35
C SER A 261 8.30 -11.16 -5.23
N ASN A 262 7.29 -10.83 -6.02
CA ASN A 262 6.02 -11.53 -5.95
C ASN A 262 5.88 -12.62 -7.04
N ASP A 263 5.87 -13.88 -6.63
CA ASP A 263 5.76 -15.00 -7.56
C ASP A 263 4.48 -14.97 -8.38
N ASP A 264 3.42 -14.42 -7.80
CA ASP A 264 2.17 -14.31 -8.52
C ASP A 264 2.21 -13.22 -9.59
N LEU A 265 3.36 -12.56 -9.68
CA LEU A 265 3.56 -11.50 -10.67
C LEU A 265 4.78 -11.82 -11.53
N ALA A 266 5.12 -13.10 -11.60
CA ALA A 266 6.35 -13.55 -12.25
C ALA A 266 6.53 -12.98 -13.67
N VAL A 267 5.44 -12.91 -14.41
CA VAL A 267 5.53 -12.46 -15.81
C VAL A 267 5.96 -10.99 -15.90
N TYR A 268 5.54 -10.18 -14.93
CA TYR A 268 5.93 -8.78 -14.89
C TYR A 268 7.31 -8.59 -14.24
N ARG A 269 7.68 -9.51 -13.36
CA ARG A 269 9.03 -9.57 -12.83
C ARG A 269 10.05 -9.74 -13.94
N GLU A 270 9.80 -10.68 -14.85
CA GLU A 270 10.70 -10.93 -15.96
C GLU A 270 10.77 -9.73 -16.89
N CYS A 271 9.62 -9.12 -17.15
CA CYS A 271 9.58 -7.93 -17.99
C CYS A 271 10.46 -6.81 -17.43
N ILE A 272 10.30 -6.51 -16.14
CA ILE A 272 11.05 -5.45 -15.50
C ILE A 272 12.56 -5.67 -15.56
N ILE A 273 12.97 -6.89 -15.23
CA ILE A 273 14.37 -7.24 -15.23
C ILE A 273 15.06 -6.94 -16.56
N GLU A 274 14.49 -7.43 -17.66
CA GLU A 274 15.10 -7.16 -18.98
C GLU A 274 14.81 -5.75 -19.52
N LYS A 275 13.78 -5.10 -18.99
CA LYS A 275 13.40 -3.77 -19.47
C LYS A 275 14.31 -2.66 -18.94
N CYS A 276 14.68 -2.74 -17.68
CA CYS A 276 15.49 -1.67 -17.11
C CYS A 276 16.70 -2.13 -16.29
N LEU A 277 16.68 -3.37 -15.81
CA LEU A 277 17.79 -3.84 -14.98
C LEU A 277 18.93 -4.40 -15.83
N MET A 278 18.58 -5.29 -16.75
CA MET A 278 19.55 -5.98 -17.57
C MET A 278 20.44 -5.00 -18.31
N ARG A 279 21.74 -5.23 -18.26
CA ARG A 279 22.72 -4.35 -18.88
C ARG A 279 22.96 -3.06 -18.09
N ASN A 280 22.22 -2.87 -16.99
CA ASN A 280 22.42 -1.70 -16.16
C ASN A 280 22.75 -2.10 -14.74
N LEU A 281 23.18 -3.35 -14.57
CA LEU A 281 23.32 -3.92 -13.23
C LEU A 281 24.43 -3.22 -12.45
N LEU A 282 25.57 -2.99 -13.08
CA LEU A 282 26.68 -2.34 -12.42
C LEU A 282 26.29 -0.92 -11.99
N SER A 283 25.59 -0.23 -12.89
CA SER A 283 25.16 1.14 -12.64
C SER A 283 24.11 1.21 -11.52
N LEU A 284 23.09 0.38 -11.61
CA LEU A 284 22.01 0.40 -10.64
C LEU A 284 22.46 -0.09 -9.27
N SER A 285 23.50 -0.92 -9.24
CA SER A 285 24.00 -1.46 -7.98
C SER A 285 24.71 -0.38 -7.18
N GLN A 286 25.00 0.75 -7.81
CA GLN A 286 25.64 1.84 -7.10
C GLN A 286 24.66 2.94 -6.73
N GLU A 287 23.37 2.70 -6.93
CA GLU A 287 22.34 3.67 -6.59
C GLU A 287 21.79 3.34 -5.21
N LYS A 288 21.57 4.37 -4.40
CA LYS A 288 21.04 4.19 -3.06
C LYS A 288 19.73 3.39 -3.09
N PHE A 289 18.83 3.76 -3.98
CA PHE A 289 17.52 3.12 -4.00
C PHE A 289 17.49 1.90 -4.92
N ALA A 290 18.01 2.05 -6.14
CA ALA A 290 17.92 0.95 -7.10
C ALA A 290 18.71 -0.30 -6.67
N SER A 291 19.72 -0.14 -5.83
CA SER A 291 20.48 -1.30 -5.36
C SER A 291 19.59 -2.30 -4.61
N HIS A 292 18.55 -1.81 -3.95
CA HIS A 292 17.63 -2.72 -3.28
C HIS A 292 16.83 -3.53 -4.30
N VAL A 293 16.50 -2.88 -5.42
CA VAL A 293 15.77 -3.54 -6.49
C VAL A 293 16.63 -4.62 -7.13
N VAL A 294 17.91 -4.30 -7.33
CA VAL A 294 18.87 -5.25 -7.90
C VAL A 294 18.99 -6.51 -7.04
N GLU A 295 19.09 -6.34 -5.73
CA GLU A 295 19.07 -7.49 -4.82
C GLU A 295 17.82 -8.35 -5.01
N LYS A 296 16.66 -7.72 -5.04
CA LYS A 296 15.39 -8.44 -5.26
C LYS A 296 15.39 -9.24 -6.56
N ALA A 297 15.86 -8.63 -7.64
CA ALA A 297 15.96 -9.30 -8.93
C ALA A 297 16.85 -10.55 -8.84
N PHE A 298 17.99 -10.42 -8.19
CA PHE A 298 18.88 -11.55 -7.98
C PHE A 298 18.21 -12.68 -7.18
N LEU A 299 17.49 -12.29 -6.13
CA LEU A 299 16.81 -13.25 -5.25
C LEU A 299 15.64 -13.99 -5.90
N HIS A 300 15.00 -13.35 -6.88
CA HIS A 300 13.76 -13.92 -7.41
C HIS A 300 13.76 -14.18 -8.92
N ALA A 301 14.84 -13.86 -9.60
CA ALA A 301 14.90 -14.09 -11.05
C ALA A 301 14.79 -15.59 -11.34
N PRO A 302 14.11 -15.93 -12.45
CA PRO A 302 14.11 -17.29 -13.01
C PRO A 302 15.54 -17.67 -13.34
N LEU A 303 15.91 -18.94 -13.21
CA LEU A 303 17.31 -19.33 -13.33
C LEU A 303 17.97 -18.90 -14.65
N GLU A 304 17.21 -18.88 -15.74
CA GLU A 304 17.77 -18.47 -17.03
C GLU A 304 18.20 -17.00 -17.00
N LEU A 305 17.35 -16.14 -16.45
CA LEU A 305 17.68 -14.73 -16.30
C LEU A 305 18.74 -14.52 -15.22
N LEU A 306 18.70 -15.35 -14.19
CA LEU A 306 19.70 -15.26 -13.12
C LEU A 306 21.09 -15.50 -13.68
N ALA A 307 21.20 -16.44 -14.61
CA ALA A 307 22.47 -16.76 -15.25
C ALA A 307 22.99 -15.58 -16.04
N GLU A 308 22.09 -14.88 -16.73
CA GLU A 308 22.46 -13.67 -17.47
C GLU A 308 22.89 -12.54 -16.53
N MET A 309 22.21 -12.40 -15.41
CA MET A 309 22.61 -11.40 -14.42
C MET A 309 23.99 -11.71 -13.87
N MET A 310 24.22 -12.96 -13.51
CA MET A 310 25.53 -13.39 -13.00
C MET A 310 26.60 -13.12 -14.05
N ASP A 311 26.33 -13.51 -15.28
CA ASP A 311 27.29 -13.36 -16.36
C ASP A 311 27.61 -11.90 -16.63
N GLU A 312 26.61 -11.03 -16.48
CA GLU A 312 26.83 -9.61 -16.71
C GLU A 312 27.79 -9.02 -15.68
N ILE A 313 27.66 -9.46 -14.43
CA ILE A 313 28.54 -9.03 -13.37
C ILE A 313 29.96 -9.58 -13.56
N PHE A 314 30.06 -10.87 -13.84
CA PHE A 314 31.37 -11.52 -13.96
C PHE A 314 32.11 -11.16 -15.25
N ASP A 315 31.37 -10.81 -16.29
CA ASP A 315 31.97 -10.72 -17.62
C ASP A 315 31.26 -9.75 -18.56
N GLY A 316 30.40 -8.91 -18.01
CA GLY A 316 29.63 -8.02 -18.85
C GLY A 316 30.29 -6.67 -19.08
N TYR A 317 31.34 -6.37 -18.34
CA TYR A 317 31.96 -5.06 -18.38
C TYR A 317 33.45 -5.09 -18.63
N ILE A 318 33.95 -4.08 -19.33
CA ILE A 318 35.38 -3.98 -19.57
C ILE A 318 36.08 -3.34 -18.36
N PRO A 319 37.15 -4.00 -17.87
CA PRO A 319 37.92 -3.54 -16.72
C PRO A 319 38.51 -2.15 -16.97
N HIS A 320 38.84 -1.42 -15.90
CA HIS A 320 39.46 -0.12 -16.07
C HIS A 320 40.77 -0.25 -16.84
N PRO A 321 40.91 0.52 -17.92
CA PRO A 321 42.03 0.44 -18.85
C PRO A 321 43.39 0.61 -18.17
N ASP A 322 43.40 1.25 -17.01
CA ASP A 322 44.64 1.55 -16.31
C ASP A 322 44.93 0.60 -15.14
N THR A 323 43.97 0.45 -14.24
CA THR A 323 44.16 -0.36 -13.03
C THR A 323 43.78 -1.83 -13.21
N GLY A 324 42.79 -2.09 -14.04
CA GLY A 324 42.33 -3.45 -14.24
C GLY A 324 41.21 -3.84 -13.28
N LYS A 325 40.67 -2.87 -12.56
CA LYS A 325 39.48 -3.09 -11.74
C LYS A 325 38.29 -3.47 -12.60
N ASP A 326 37.60 -4.54 -12.25
CA ASP A 326 36.41 -4.93 -12.99
C ASP A 326 35.14 -4.61 -12.21
N ALA A 327 34.01 -5.01 -12.75
CA ALA A 327 32.72 -4.76 -12.12
C ALA A 327 32.71 -5.27 -10.68
N LEU A 328 33.08 -6.52 -10.52
CA LEU A 328 33.11 -7.15 -9.20
C LEU A 328 33.98 -6.37 -8.21
N ASP A 329 35.13 -5.86 -8.69
CA ASP A 329 36.01 -5.05 -7.86
C ASP A 329 35.30 -3.78 -7.40
N ILE A 330 34.61 -3.12 -8.33
CA ILE A 330 33.93 -1.90 -7.99
C ILE A 330 32.86 -2.18 -6.94
N MET A 331 32.04 -3.19 -7.21
CA MET A 331 30.86 -3.46 -6.39
C MET A 331 31.20 -3.94 -4.98
N MET A 332 32.19 -4.83 -4.86
CA MET A 332 32.58 -5.37 -3.57
C MET A 332 32.92 -4.28 -2.56
N PHE A 333 33.39 -3.15 -3.06
CA PHE A 333 33.89 -2.10 -2.18
C PHE A 333 33.04 -0.85 -2.22
N HIS A 334 31.92 -0.91 -2.93
CA HIS A 334 31.05 0.25 -3.06
C HIS A 334 30.07 0.32 -1.90
N GLN A 335 29.74 1.54 -1.47
CA GLN A 335 28.90 1.77 -0.29
C GLN A 335 27.55 1.09 -0.44
N PHE A 336 27.05 0.99 -1.67
CA PHE A 336 25.80 0.29 -1.92
C PHE A 336 26.02 -1.05 -2.64
N GLY A 337 26.98 -1.07 -3.57
CA GLY A 337 27.20 -2.24 -4.39
C GLY A 337 27.61 -3.46 -3.57
N ASN A 338 28.19 -3.24 -2.40
CA ASN A 338 28.68 -4.37 -1.63
C ASN A 338 27.54 -5.30 -1.18
N TYR A 339 26.36 -4.73 -0.99
CA TYR A 339 25.21 -5.53 -0.57
C TYR A 339 24.73 -6.46 -1.68
N VAL A 340 24.97 -6.05 -2.93
CA VAL A 340 24.53 -6.82 -4.07
C VAL A 340 25.41 -8.06 -4.23
N VAL A 341 26.71 -7.88 -4.12
CA VAL A 341 27.65 -9.00 -4.16
C VAL A 341 27.44 -9.94 -2.97
N GLN A 342 27.14 -9.37 -1.81
CA GLN A 342 26.76 -10.14 -0.63
C GLN A 342 25.56 -11.03 -0.97
N CYS A 343 24.58 -10.41 -1.60
CA CYS A 343 23.39 -11.11 -2.05
C CYS A 343 23.73 -12.24 -3.02
N MET A 344 24.57 -11.97 -4.02
CA MET A 344 24.99 -12.99 -4.99
C MET A 344 25.63 -14.19 -4.31
N LEU A 345 26.55 -13.90 -3.39
CA LEU A 345 27.24 -14.95 -2.65
C LEU A 345 26.26 -15.81 -1.86
N THR A 346 25.31 -15.17 -1.20
CA THR A 346 24.36 -15.87 -0.35
C THR A 346 23.46 -16.77 -1.17
N ILE A 347 23.09 -16.30 -2.36
CA ILE A 347 22.30 -17.12 -3.25
C ILE A 347 23.05 -18.41 -3.60
N CYS A 348 24.33 -18.28 -3.94
CA CYS A 348 25.09 -19.46 -4.35
C CYS A 348 25.30 -20.43 -3.20
N CYS A 349 25.57 -19.89 -2.02
CA CYS A 349 25.81 -20.73 -0.86
C CYS A 349 24.54 -21.49 -0.47
N ASP A 350 23.39 -20.84 -0.56
CA ASP A 350 22.11 -21.52 -0.32
C ASP A 350 21.89 -22.63 -1.33
N ALA A 351 22.19 -22.35 -2.60
CA ALA A 351 21.99 -23.32 -3.67
C ALA A 351 22.82 -24.58 -3.46
N VAL A 352 24.12 -24.42 -3.24
CA VAL A 352 25.01 -25.57 -3.15
C VAL A 352 24.86 -26.34 -1.84
N SER A 353 24.20 -25.74 -0.85
CA SER A 353 24.03 -26.41 0.43
C SER A 353 22.62 -26.95 0.61
N GLY A 354 21.80 -26.85 -0.44
CA GLY A 354 20.47 -27.42 -0.43
C GLY A 354 19.39 -26.53 0.15
N ARG A 355 19.75 -25.34 0.60
CA ARG A 355 18.77 -24.42 1.17
C ARG A 355 17.96 -23.72 0.10
N ARG A 356 18.26 -24.01 -1.17
CA ARG A 356 17.56 -23.36 -2.29
C ARG A 356 17.44 -24.27 -3.51
N GLN A 357 16.20 -24.46 -3.97
CA GLN A 357 15.90 -25.30 -5.12
C GLN A 357 16.70 -24.88 -6.37
N THR A 358 17.46 -25.83 -6.92
CA THR A 358 18.28 -25.56 -8.11
C THR A 358 17.64 -26.11 -9.38
N LYS A 359 16.58 -26.90 -9.22
CA LYS A 359 15.92 -27.53 -10.36
C LYS A 359 14.83 -26.62 -10.91
N GLU A 360 14.96 -26.26 -12.18
CA GLU A 360 14.00 -25.39 -12.85
C GLU A 360 14.12 -25.53 -14.35
N GLY A 361 13.00 -25.47 -15.05
CA GLY A 361 12.98 -25.51 -16.50
C GLY A 361 13.46 -26.84 -17.08
N GLY A 362 13.17 -27.93 -16.39
CA GLY A 362 13.51 -29.27 -16.84
C GLY A 362 14.97 -29.59 -16.65
N TYR A 363 15.65 -28.80 -15.81
CA TYR A 363 17.06 -29.01 -15.57
C TYR A 363 17.48 -28.68 -14.14
N ASP A 364 18.56 -29.31 -13.69
CA ASP A 364 19.19 -28.98 -12.42
C ASP A 364 20.36 -28.03 -12.70
N HIS A 365 20.25 -26.80 -12.22
CA HIS A 365 21.25 -25.79 -12.52
C HIS A 365 22.36 -25.75 -11.49
N ALA A 366 22.46 -26.80 -10.69
CA ALA A 366 23.47 -26.90 -9.65
C ALA A 366 24.90 -26.61 -10.13
N ILE A 367 25.26 -27.07 -11.33
CA ILE A 367 26.61 -26.79 -11.83
C ILE A 367 26.82 -25.30 -12.11
N SER A 368 25.73 -24.59 -12.40
CA SER A 368 25.83 -23.15 -12.61
C SER A 368 26.12 -22.40 -11.31
N PHE A 369 25.39 -22.74 -10.25
CA PHE A 369 25.63 -22.15 -8.94
C PHE A 369 27.03 -22.49 -8.45
N GLN A 370 27.50 -23.70 -8.78
CA GLN A 370 28.82 -24.14 -8.37
C GLN A 370 29.86 -23.29 -9.04
N ASP A 371 29.66 -23.03 -10.32
CA ASP A 371 30.55 -22.19 -11.09
C ASP A 371 30.61 -20.79 -10.48
N TRP A 372 29.45 -20.18 -10.28
CA TRP A 372 29.40 -18.82 -9.75
C TRP A 372 30.06 -18.71 -8.38
N LEU A 373 29.86 -19.73 -7.56
CA LEU A 373 30.44 -19.74 -6.23
C LEU A 373 31.97 -19.80 -6.30
N LYS A 374 32.49 -20.70 -7.15
CA LYS A 374 33.93 -20.78 -7.38
C LYS A 374 34.54 -19.45 -7.83
N LYS A 375 33.83 -18.70 -8.67
CA LYS A 375 34.32 -17.39 -9.08
C LYS A 375 34.41 -16.44 -7.90
N LEU A 376 33.36 -16.43 -7.09
CA LEU A 376 33.29 -15.53 -5.94
C LEU A 376 34.33 -15.92 -4.89
N HIS A 377 34.46 -17.22 -4.65
CA HIS A 377 35.40 -17.73 -3.68
C HIS A 377 36.83 -17.40 -4.08
N SER A 378 37.10 -17.51 -5.37
CA SER A 378 38.43 -17.23 -5.89
C SER A 378 38.75 -15.74 -5.75
N ARG A 379 37.75 -14.89 -5.99
CA ARG A 379 37.95 -13.44 -5.86
C ARG A 379 38.18 -13.06 -4.40
N VAL A 380 37.33 -13.57 -3.52
CA VAL A 380 37.45 -13.29 -2.10
C VAL A 380 38.78 -13.78 -1.54
N THR A 381 39.15 -15.01 -1.88
CA THR A 381 40.45 -15.54 -1.51
C THR A 381 41.57 -14.58 -1.91
N LYS A 382 41.58 -14.16 -3.17
CA LYS A 382 42.66 -13.31 -3.67
C LYS A 382 42.67 -11.94 -3.01
N GLU A 383 41.49 -11.39 -2.75
CA GLU A 383 41.39 -10.05 -2.19
C GLU A 383 41.12 -10.04 -0.69
N ARG A 384 41.39 -11.17 -0.04
CA ARG A 384 41.01 -11.34 1.37
C ARG A 384 41.58 -10.29 2.32
N HIS A 385 42.77 -9.78 2.02
CA HIS A 385 43.38 -8.78 2.90
C HIS A 385 42.67 -7.43 2.85
N ARG A 386 42.44 -6.89 1.66
CA ARG A 386 41.63 -5.68 1.56
C ARG A 386 40.20 -5.88 2.08
N LEU A 387 39.59 -7.00 1.73
CA LEU A 387 38.21 -7.26 2.16
C LEU A 387 38.09 -7.34 3.69
N SER A 388 39.16 -7.79 4.34
CA SER A 388 39.21 -7.87 5.80
C SER A 388 39.02 -6.52 6.48
N ARG A 389 39.28 -5.45 5.74
CA ARG A 389 39.16 -4.08 6.26
C ARG A 389 37.71 -3.64 6.43
N PHE A 390 36.77 -4.31 5.77
CA PHE A 390 35.37 -3.87 5.75
C PHE A 390 34.45 -4.92 6.38
N SER A 391 33.35 -4.46 6.94
CA SER A 391 32.33 -5.35 7.49
C SER A 391 31.76 -6.27 6.41
N SER A 392 31.47 -5.70 5.24
CA SER A 392 30.96 -6.46 4.12
C SER A 392 31.92 -7.59 3.74
N GLY A 393 33.22 -7.28 3.68
CA GLY A 393 34.22 -8.24 3.26
C GLY A 393 34.38 -9.33 4.31
N LYS A 394 34.42 -8.93 5.58
CA LYS A 394 34.46 -9.90 6.66
C LYS A 394 33.26 -10.84 6.63
N LYS A 395 32.09 -10.31 6.26
CA LYS A 395 30.89 -11.13 6.20
C LYS A 395 30.98 -12.15 5.07
N MET A 396 31.56 -11.74 3.95
CA MET A 396 31.73 -12.66 2.84
C MET A 396 32.71 -13.79 3.19
N ILE A 397 33.84 -13.41 3.78
CA ILE A 397 34.85 -14.39 4.16
C ILE A 397 34.23 -15.40 5.09
N GLU A 398 33.44 -14.88 6.02
CA GLU A 398 32.74 -15.71 6.99
C GLU A 398 31.69 -16.62 6.33
N THR A 399 30.96 -16.07 5.37
CA THR A 399 29.95 -16.85 4.66
C THR A 399 30.60 -18.07 4.00
N LEU A 400 31.75 -17.86 3.37
CA LEU A 400 32.47 -18.93 2.71
C LEU A 400 32.99 -19.93 3.72
N ALA A 401 33.58 -19.41 4.80
CA ALA A 401 34.07 -20.25 5.89
C ALA A 401 32.95 -21.12 6.45
N ASN A 402 31.79 -20.52 6.64
CA ASN A 402 30.60 -21.18 7.17
C ASN A 402 30.14 -22.34 6.28
N LEU A 403 30.37 -22.21 4.98
CA LEU A 403 29.96 -23.21 4.00
C LEU A 403 30.83 -24.46 4.09
N ARG A 404 32.13 -24.27 4.25
CA ARG A 404 33.09 -25.37 4.36
C ARG A 404 32.64 -26.40 5.39
N SER A 405 32.27 -25.92 6.57
CA SER A 405 31.75 -26.78 7.62
C SER A 405 30.22 -26.86 7.54
#